data_4P0I
#
_entry.id   4P0I
#
_cell.length_a   118.860
_cell.length_b   69.710
_cell.length_c   74.380
_cell.angle_alpha   90.00
_cell.angle_beta   117.86
_cell.angle_gamma   90.00
#
_symmetry.space_group_name_H-M   'C 1 2 1'
#
loop_
_entity.id
_entity.type
_entity.pdbx_description
1 polymer 'Nopaline-binding periplasmic protein'
2 non-polymer 1,2-ETHANEDIOL
3 non-polymer DI(HYDROXYETHYL)ETHER
4 water water
#
_entity_poly.entity_id   1
_entity_poly.type   'polypeptide(L)'
_entity_poly.pdbx_seq_one_letter_code
;MKDYKSITIATEGSYAPYNFKDAGGKLIGFDIDLGNDLCKRMNIECKFVEQAWDGIIPSLTAGRYDAIMAAMGIQPAREK
VIAFSRPYLLTPMTFLTTADSPLLKTQVAIENLPLDNITPEQKAELDKFTKIFEGVKFGVQAGTSHEAFMKQMMPSVQIS
TYDTIDNVVMDLKAGRIDASLASVSFLKPLTDKPDNKDLKMFGPRMTGGLFGKGVGVGIRKEDADLKALFDKAIDAAIAD
GTVQKLSQQWFGYDASPKQHHHHHH
;
_entity_poly.pdbx_strand_id   A,B
#
# COMPACT_ATOMS: atom_id res chain seq x y z
N LYS A 5 4.84 -21.99 7.65
CA LYS A 5 4.72 -20.54 7.78
C LYS A 5 5.87 -19.79 7.11
N SER A 6 5.53 -18.68 6.43
CA SER A 6 6.42 -17.88 5.59
C SER A 6 6.00 -16.41 5.54
N ILE A 7 6.98 -15.50 5.68
CA ILE A 7 6.66 -14.08 5.57
C ILE A 7 7.53 -13.38 4.55
N THR A 8 6.96 -12.35 3.90
CA THR A 8 7.70 -11.52 2.95
C THR A 8 8.00 -10.19 3.62
N ILE A 9 9.27 -9.76 3.59
CA ILE A 9 9.70 -8.54 4.25
C ILE A 9 10.21 -7.57 3.22
N ALA A 10 9.62 -6.38 3.20
CA ALA A 10 10.06 -5.35 2.28
C ALA A 10 11.12 -4.45 2.86
N THR A 11 12.07 -4.08 2.01
CA THR A 11 13.14 -3.17 2.37
C THR A 11 13.41 -2.25 1.17
N GLU A 12 14.17 -1.16 1.36
CA GLU A 12 14.50 -0.22 0.31
C GLU A 12 15.54 -0.79 -0.66
N GLY A 13 16.66 -1.29 -0.12
CA GLY A 13 17.78 -1.80 -0.89
C GLY A 13 18.70 -0.71 -1.40
N SER A 14 18.58 0.50 -0.83
CA SER A 14 19.37 1.67 -1.23
C SER A 14 19.80 2.51 -0.03
N TYR A 15 19.89 1.88 1.16
CA TYR A 15 20.27 2.57 2.39
C TYR A 15 21.32 1.80 3.17
N ALA A 16 22.55 1.75 2.63
CA ALA A 16 23.67 1.08 3.29
C ALA A 16 23.98 1.76 4.64
N PRO A 17 24.29 1.02 5.73
CA PRO A 17 24.48 -0.44 5.85
C PRO A 17 23.22 -1.19 6.32
N TYR A 18 22.07 -0.51 6.40
CA TYR A 18 20.82 -1.12 6.85
C TYR A 18 20.30 -2.12 5.83
N ASN A 19 20.20 -1.69 4.57
CA ASN A 19 19.69 -2.53 3.49
C ASN A 19 20.20 -1.98 2.19
N PHE A 20 20.94 -2.81 1.48
CA PHE A 20 21.55 -2.41 0.22
C PHE A 20 21.81 -3.66 -0.60
N LYS A 21 22.57 -3.55 -1.67
CA LYS A 21 22.80 -4.70 -2.53
C LYS A 21 24.26 -5.09 -2.65
N ASP A 22 24.51 -6.40 -2.81
CA ASP A 22 25.86 -6.91 -3.07
C ASP A 22 26.08 -6.76 -4.58
N ALA A 23 27.30 -7.06 -5.07
CA ALA A 23 27.68 -6.95 -6.48
C ALA A 23 26.73 -7.71 -7.44
N GLY A 24 26.14 -8.80 -6.98
CA GLY A 24 25.19 -9.60 -7.75
C GLY A 24 23.74 -9.14 -7.68
N GLY A 25 23.48 -8.06 -6.93
CA GLY A 25 22.14 -7.50 -6.79
C GLY A 25 21.27 -8.07 -5.67
N LYS A 26 21.82 -8.95 -4.83
CA LYS A 26 21.10 -9.57 -3.71
C LYS A 26 21.00 -8.57 -2.55
N LEU A 27 19.86 -8.54 -1.87
CA LEU A 27 19.67 -7.65 -0.71
C LEU A 27 20.50 -8.12 0.48
N ILE A 28 21.29 -7.20 1.01
CA ILE A 28 22.19 -7.42 2.15
C ILE A 28 22.08 -6.27 3.15
N GLY A 29 22.64 -6.46 4.35
CA GLY A 29 22.67 -5.42 5.37
C GLY A 29 22.14 -5.83 6.72
N PHE A 30 22.24 -4.91 7.69
CA PHE A 30 21.76 -5.14 9.06
C PHE A 30 20.32 -5.65 9.08
N ASP A 31 19.40 -4.97 8.34
CA ASP A 31 17.98 -5.32 8.32
C ASP A 31 17.74 -6.72 7.80
N ILE A 32 18.54 -7.13 6.78
CA ILE A 32 18.47 -8.45 6.14
C ILE A 32 18.98 -9.51 7.10
N ASP A 33 20.19 -9.31 7.66
CA ASP A 33 20.75 -10.25 8.65
C ASP A 33 19.85 -10.37 9.87
N LEU A 34 19.33 -9.25 10.40
CA LEU A 34 18.45 -9.36 11.56
C LEU A 34 17.12 -10.00 11.21
N GLY A 35 16.53 -9.62 10.09
CA GLY A 35 15.27 -10.20 9.62
C GLY A 35 15.32 -11.71 9.52
N ASN A 36 16.41 -12.24 8.91
CA ASN A 36 16.63 -13.68 8.78
C ASN A 36 16.80 -14.35 10.14
N ASP A 37 17.52 -13.67 11.05
CA ASP A 37 17.77 -14.18 12.40
C ASP A 37 16.47 -14.24 13.19
N LEU A 38 15.63 -13.18 13.11
CA LEU A 38 14.33 -13.11 13.81
C LEU A 38 13.38 -14.19 13.28
N CYS A 39 13.31 -14.36 11.96
CA CYS A 39 12.45 -15.38 11.35
C CYS A 39 12.85 -16.79 11.71
N LYS A 40 14.16 -17.03 11.86
CA LYS A 40 14.73 -18.31 12.31
C LYS A 40 14.23 -18.63 13.73
N ARG A 41 14.23 -17.62 14.63
CA ARG A 41 13.75 -17.75 16.03
C ARG A 41 12.25 -18.01 16.07
N MET A 42 11.54 -17.42 15.11
CA MET A 42 10.09 -17.52 14.95
C MET A 42 9.70 -18.84 14.27
N ASN A 43 10.69 -19.61 13.75
CA ASN A 43 10.51 -20.88 13.02
C ASN A 43 9.65 -20.68 11.76
N ILE A 44 9.90 -19.57 11.05
CA ILE A 44 9.18 -19.15 9.86
C ILE A 44 10.21 -18.85 8.75
N GLU A 45 9.85 -19.15 7.48
CA GLU A 45 10.69 -18.87 6.32
C GLU A 45 10.72 -17.36 6.07
N CYS A 46 11.83 -16.87 5.53
CA CYS A 46 12.02 -15.45 5.29
C CYS A 46 12.36 -15.14 3.83
N LYS A 47 11.63 -14.19 3.21
CA LYS A 47 11.91 -13.70 1.86
C LYS A 47 11.98 -12.17 1.83
N PHE A 48 13.10 -11.64 1.37
CA PHE A 48 13.27 -10.19 1.30
C PHE A 48 12.98 -9.68 -0.09
N VAL A 49 12.24 -8.57 -0.15
CA VAL A 49 11.91 -7.95 -1.43
C VAL A 49 12.25 -6.47 -1.41
N GLU A 50 12.45 -5.89 -2.60
CA GLU A 50 12.72 -4.46 -2.69
C GLU A 50 11.48 -3.67 -2.95
N GLN A 51 11.34 -2.54 -2.24
CA GLN A 51 10.19 -1.65 -2.37
C GLN A 51 10.64 -0.19 -2.20
N ALA A 52 10.28 0.66 -3.18
CA ALA A 52 10.60 2.10 -3.13
C ALA A 52 9.91 2.71 -1.93
N TRP A 53 10.61 3.61 -1.21
CA TRP A 53 10.14 4.26 0.01
C TRP A 53 8.70 4.82 -0.05
N ASP A 54 8.37 5.58 -1.11
CA ASP A 54 7.05 6.16 -1.29
C ASP A 54 5.88 5.17 -1.24
N GLY A 55 6.10 3.94 -1.69
CA GLY A 55 5.05 2.92 -1.67
C GLY A 55 5.19 1.84 -0.62
N ILE A 56 6.22 1.93 0.24
CA ILE A 56 6.51 0.92 1.28
C ILE A 56 5.38 0.67 2.28
N ILE A 57 4.74 1.75 2.77
CA ILE A 57 3.59 1.62 3.67
C ILE A 57 2.29 1.21 2.93
N PRO A 58 1.85 1.90 1.84
CA PRO A 58 0.63 1.44 1.15
C PRO A 58 0.68 -0.01 0.66
N SER A 59 1.85 -0.49 0.21
CA SER A 59 2.01 -1.88 -0.27
C SER A 59 1.95 -2.88 0.88
N LEU A 60 2.27 -2.44 2.12
CA LEU A 60 2.13 -3.29 3.30
C LEU A 60 0.64 -3.44 3.60
N THR A 61 -0.09 -2.32 3.64
CA THR A 61 -1.54 -2.32 3.88
C THR A 61 -2.30 -3.00 2.75
N ALA A 62 -1.79 -2.94 1.50
CA ALA A 62 -2.42 -3.61 0.34
C ALA A 62 -2.23 -5.14 0.43
N GLY A 63 -1.29 -5.58 1.27
CA GLY A 63 -1.01 -6.99 1.51
C GLY A 63 0.00 -7.61 0.57
N ARG A 64 0.84 -6.79 -0.08
CA ARG A 64 1.87 -7.24 -1.02
C ARG A 64 2.98 -8.02 -0.30
N TYR A 65 3.14 -7.76 1.01
CA TYR A 65 4.11 -8.42 1.90
C TYR A 65 3.64 -8.29 3.36
N ASP A 66 4.29 -9.03 4.29
CA ASP A 66 3.90 -9.15 5.69
C ASP A 66 4.54 -8.16 6.65
N ALA A 67 5.72 -7.66 6.31
CA ALA A 67 6.42 -6.76 7.22
C ALA A 67 7.37 -5.83 6.49
N ILE A 68 7.83 -4.75 7.19
CA ILE A 68 8.83 -3.79 6.65
C ILE A 68 10.03 -3.77 7.60
N MET A 69 11.25 -3.99 7.07
CA MET A 69 12.50 -3.84 7.82
C MET A 69 13.38 -3.03 6.90
N ALA A 70 13.28 -1.70 7.03
CA ALA A 70 13.93 -0.75 6.17
C ALA A 70 14.29 0.50 6.97
N ALA A 71 15.08 0.32 8.08
CA ALA A 71 15.53 1.41 8.96
C ALA A 71 14.37 2.38 9.23
N MET A 72 13.16 1.83 9.46
CA MET A 72 11.97 2.66 9.61
C MET A 72 11.80 3.12 11.02
N GLY A 73 11.94 4.44 11.23
CA GLY A 73 11.73 5.05 12.54
C GLY A 73 10.28 4.91 12.98
N ILE A 74 10.08 4.45 14.22
CA ILE A 74 8.75 4.32 14.80
C ILE A 74 8.35 5.77 15.08
N GLN A 75 7.25 6.24 14.48
CA GLN A 75 6.84 7.63 14.64
C GLN A 75 5.30 7.74 14.62
N PRO A 76 4.69 8.80 15.22
CA PRO A 76 3.21 8.90 15.24
C PRO A 76 2.52 8.90 13.87
N ALA A 77 3.11 9.57 12.86
CA ALA A 77 2.60 9.63 11.49
C ALA A 77 2.45 8.24 10.87
N ARG A 78 3.46 7.36 11.07
CA ARG A 78 3.39 5.97 10.57
C ARG A 78 2.46 5.13 11.43
N GLU A 79 2.45 5.38 12.76
CA GLU A 79 1.57 4.65 13.69
C GLU A 79 0.07 4.89 13.44
N LYS A 80 -0.28 5.91 12.63
CA LYS A 80 -1.66 6.20 12.27
C LYS A 80 -2.14 5.20 11.21
N VAL A 81 -1.17 4.66 10.41
CA VAL A 81 -1.45 3.75 9.30
C VAL A 81 -1.09 2.29 9.62
N ILE A 82 0.06 2.08 10.25
CA ILE A 82 0.55 0.72 10.55
C ILE A 82 0.95 0.55 12.02
N ALA A 83 1.22 -0.70 12.41
CA ALA A 83 1.73 -1.04 13.73
C ALA A 83 3.24 -1.26 13.62
N PHE A 84 3.93 -1.22 14.77
CA PHE A 84 5.35 -1.47 14.82
C PHE A 84 5.67 -2.52 15.86
N SER A 85 6.76 -3.27 15.63
CA SER A 85 7.28 -4.16 16.65
C SER A 85 7.96 -3.23 17.68
N ARG A 86 8.42 -3.80 18.81
CA ARG A 86 9.26 -3.07 19.75
C ARG A 86 10.53 -2.64 18.93
N PRO A 87 11.20 -1.54 19.32
CA PRO A 87 12.42 -1.13 18.60
C PRO A 87 13.47 -2.22 18.53
N TYR A 88 14.08 -2.40 17.36
CA TYR A 88 15.14 -3.41 17.26
C TYR A 88 16.52 -2.77 17.19
N LEU A 89 16.57 -1.44 17.01
CA LEU A 89 17.81 -0.67 16.98
C LEU A 89 17.53 0.76 17.34
N LEU A 90 18.39 1.35 18.17
CA LEU A 90 18.28 2.76 18.54
C LEU A 90 18.85 3.61 17.42
N THR A 91 18.52 4.89 17.42
CA THR A 91 18.95 5.84 16.40
C THR A 91 19.74 6.94 17.11
N PRO A 92 21.03 6.70 17.46
CA PRO A 92 21.77 7.73 18.21
C PRO A 92 22.15 8.95 17.38
N MET A 93 22.14 10.11 18.06
CA MET A 93 22.48 11.41 17.48
C MET A 93 23.69 11.92 18.27
N THR A 94 24.60 12.63 17.60
CA THR A 94 25.75 13.18 18.29
C THR A 94 26.19 14.50 17.68
N PHE A 95 27.15 15.16 18.32
CA PHE A 95 27.66 16.44 17.86
C PHE A 95 28.85 16.29 16.94
N LEU A 96 29.09 17.29 16.10
CA LEU A 96 30.17 17.30 15.14
C LEU A 96 30.90 18.62 15.23
N THR A 97 32.23 18.58 15.20
CA THR A 97 33.05 19.79 15.19
C THR A 97 34.32 19.52 14.34
N THR A 98 35.28 20.45 14.38
CA THR A 98 36.53 20.27 13.63
C THR A 98 37.54 19.54 14.54
N ALA A 99 38.53 18.88 13.92
CA ALA A 99 39.57 18.21 14.70
C ALA A 99 40.34 19.37 15.33
N ASP A 100 40.81 19.20 16.55
CA ASP A 100 41.52 20.31 17.23
C ASP A 100 40.61 21.48 17.73
N SER A 101 39.26 21.33 17.60
CA SER A 101 38.35 22.28 18.24
C SER A 101 38.55 22.09 19.74
N PRO A 102 38.48 23.17 20.58
CA PRO A 102 38.62 22.94 22.03
C PRO A 102 37.45 22.14 22.60
N LEU A 103 36.31 22.06 21.84
CA LEU A 103 35.09 21.34 22.27
C LEU A 103 35.37 19.85 22.49
N LEU A 104 36.43 19.30 21.83
CA LEU A 104 36.85 17.89 21.97
C LEU A 104 37.45 17.59 23.34
N LYS A 105 37.92 18.64 24.06
CA LYS A 105 38.53 18.48 25.37
C LYS A 105 37.48 18.21 26.47
N THR A 106 36.20 18.56 26.20
CA THR A 106 35.10 18.39 27.14
C THR A 106 34.89 16.92 27.42
N GLN A 107 35.09 16.53 28.69
CA GLN A 107 34.95 15.16 29.15
C GLN A 107 33.49 14.70 29.08
N VAL A 108 33.31 13.47 28.60
CA VAL A 108 31.99 12.86 28.46
C VAL A 108 31.83 11.85 29.62
N ALA A 109 31.03 12.24 30.63
CA ALA A 109 30.77 11.44 31.83
C ALA A 109 29.92 10.21 31.54
N ILE A 110 28.89 10.35 30.65
CA ILE A 110 27.97 9.29 30.25
C ILE A 110 27.96 9.24 28.70
N GLU A 111 28.45 8.13 28.10
CA GLU A 111 28.51 8.01 26.64
C GLU A 111 27.12 7.98 26.01
N ASN A 112 26.30 6.98 26.37
CA ASN A 112 24.94 6.85 25.84
C ASN A 112 23.96 7.64 26.68
N LEU A 113 23.19 8.51 26.03
CA LEU A 113 22.27 9.39 26.70
C LEU A 113 20.80 9.25 26.26
N PRO A 114 20.01 8.33 26.87
CA PRO A 114 18.58 8.24 26.52
C PRO A 114 17.85 9.46 27.11
N LEU A 115 17.12 10.21 26.27
CA LEU A 115 16.51 11.48 26.70
C LEU A 115 15.14 11.41 27.37
N ASP A 116 14.44 10.29 27.30
CA ASP A 116 13.06 10.21 27.84
C ASP A 116 12.81 10.43 29.31
N ASN A 117 13.60 9.79 30.17
CA ASN A 117 13.36 10.02 31.60
C ASN A 117 14.68 10.35 32.24
N ILE A 118 15.25 11.45 31.74
CA ILE A 118 16.54 12.02 32.07
C ILE A 118 16.89 12.05 33.56
N THR A 119 18.00 11.39 33.92
CA THR A 119 18.50 11.30 35.30
C THR A 119 19.17 12.63 35.67
N PRO A 120 19.26 13.05 36.96
CA PRO A 120 19.95 14.31 37.27
C PRO A 120 21.39 14.37 36.73
N GLU A 121 22.10 13.22 36.70
CA GLU A 121 23.47 13.12 36.15
C GLU A 121 23.47 13.36 34.66
N GLN A 122 22.45 12.84 33.96
CA GLN A 122 22.29 12.99 32.52
C GLN A 122 21.94 14.44 32.16
N LYS A 123 21.04 15.07 32.94
CA LYS A 123 20.62 16.45 32.78
C LYS A 123 21.81 17.38 33.03
N ALA A 124 22.65 17.08 34.05
CA ALA A 124 23.87 17.84 34.39
C ALA A 124 24.86 17.81 33.24
N GLU A 125 24.97 16.65 32.54
CA GLU A 125 25.85 16.55 31.39
C GLU A 125 25.31 17.40 30.22
N LEU A 126 24.00 17.29 29.95
CA LEU A 126 23.34 18.03 28.90
C LEU A 126 23.42 19.56 29.13
N ASP A 127 23.30 20.02 30.41
CA ASP A 127 23.46 21.44 30.80
C ASP A 127 24.91 21.91 30.63
N LYS A 128 25.89 21.04 30.96
CA LYS A 128 27.33 21.30 30.84
C LYS A 128 27.71 21.55 29.37
N PHE A 129 27.15 20.77 28.42
CA PHE A 129 27.43 20.94 27.01
C PHE A 129 26.72 22.18 26.46
N THR A 130 25.44 22.39 26.86
CA THR A 130 24.58 23.54 26.54
C THR A 130 25.32 24.84 26.94
N LYS A 131 25.98 24.84 28.12
CA LYS A 131 26.77 25.95 28.70
C LYS A 131 27.88 26.32 27.73
N ILE A 132 28.68 25.34 27.27
CA ILE A 132 29.75 25.62 26.32
C ILE A 132 29.17 26.06 24.97
N PHE A 133 28.13 25.39 24.52
CA PHE A 133 27.54 25.78 23.26
C PHE A 133 27.05 27.26 23.14
N GLU A 134 26.91 27.98 24.31
CA GLU A 134 26.57 29.40 24.41
C GLU A 134 27.42 30.31 23.54
N GLY A 135 28.74 30.06 23.50
CA GLY A 135 29.69 30.84 22.72
C GLY A 135 30.18 30.22 21.43
N VAL A 136 29.47 29.18 20.95
CA VAL A 136 29.78 28.42 19.73
C VAL A 136 28.71 28.72 18.63
N LYS A 137 29.16 28.91 17.37
CA LYS A 137 28.27 29.09 16.24
C LYS A 137 27.81 27.69 15.83
N PHE A 138 26.52 27.44 15.95
CA PHE A 138 25.98 26.14 15.62
C PHE A 138 25.18 26.19 14.32
N GLY A 139 25.28 25.11 13.57
CA GLY A 139 24.52 24.94 12.34
C GLY A 139 23.75 23.64 12.39
N VAL A 140 22.51 23.64 11.86
CA VAL A 140 21.65 22.43 11.82
C VAL A 140 20.87 22.40 10.50
N GLN A 141 20.46 21.20 10.08
CA GLN A 141 19.63 21.04 8.89
C GLN A 141 18.18 21.39 9.32
N ALA A 142 17.51 22.27 8.55
CA ALA A 142 16.16 22.74 8.83
C ALA A 142 15.14 21.63 8.72
N GLY A 143 14.12 21.68 9.59
CA GLY A 143 12.99 20.74 9.63
C GLY A 143 13.28 19.39 10.26
N THR A 144 14.49 19.20 10.81
CA THR A 144 14.91 17.94 11.43
C THR A 144 14.64 17.93 12.93
N SER A 145 14.79 16.73 13.56
CA SER A 145 14.71 16.55 15.01
C SER A 145 15.90 17.23 15.68
N HIS A 146 17.02 17.41 14.93
CA HIS A 146 18.22 18.08 15.43
C HIS A 146 17.93 19.54 15.68
N GLU A 147 17.22 20.17 14.73
CA GLU A 147 16.77 21.57 14.86
C GLU A 147 15.80 21.68 16.04
N ALA A 148 14.83 20.73 16.14
CA ALA A 148 13.84 20.68 17.23
C ALA A 148 14.53 20.58 18.61
N PHE A 149 15.52 19.65 18.77
CA PHE A 149 16.30 19.45 20.02
C PHE A 149 17.03 20.70 20.39
N MET A 150 17.67 21.37 19.41
CA MET A 150 18.35 22.61 19.73
C MET A 150 17.34 23.67 20.17
N LYS A 151 16.21 23.83 19.43
CA LYS A 151 15.15 24.82 19.79
C LYS A 151 14.43 24.53 21.11
N GLN A 152 14.38 23.27 21.57
CA GLN A 152 13.66 22.89 22.79
C GLN A 152 14.57 22.62 24.01
N MET A 153 15.74 21.99 23.80
CA MET A 153 16.67 21.59 24.87
C MET A 153 17.88 22.48 25.04
N MET A 154 18.26 23.21 23.98
CA MET A 154 19.44 24.09 24.04
C MET A 154 19.18 25.52 23.59
N PRO A 155 18.11 26.18 24.13
CA PRO A 155 17.84 27.57 23.74
C PRO A 155 18.96 28.56 24.00
N SER A 156 19.87 28.25 24.94
CA SER A 156 21.04 29.10 25.28
C SER A 156 22.08 29.18 24.13
N VAL A 157 21.91 28.34 23.08
CA VAL A 157 22.81 28.19 21.92
C VAL A 157 22.27 28.85 20.64
N GLN A 158 23.11 29.67 19.97
CA GLN A 158 22.81 30.32 18.69
C GLN A 158 22.86 29.31 17.54
N ILE A 159 21.78 29.22 16.75
CA ILE A 159 21.70 28.28 15.64
C ILE A 159 21.36 28.92 14.30
N SER A 160 22.01 28.43 13.24
CA SER A 160 21.72 28.83 11.87
C SER A 160 21.23 27.56 11.15
N THR A 161 20.33 27.75 10.17
CA THR A 161 19.64 26.67 9.47
C THR A 161 20.09 26.48 8.03
N TYR A 162 20.10 25.20 7.58
CA TYR A 162 20.54 24.82 6.24
C TYR A 162 19.54 23.87 5.59
N ASP A 163 19.41 23.93 4.26
CA ASP A 163 18.49 23.04 3.52
C ASP A 163 18.91 21.57 3.61
N THR A 164 20.23 21.30 3.48
CA THR A 164 20.80 19.94 3.52
C THR A 164 21.90 19.79 4.58
N ILE A 165 22.15 18.55 5.00
CA ILE A 165 23.20 18.25 5.97
C ILE A 165 24.57 18.47 5.31
N ASP A 166 24.65 18.22 3.98
CA ASP A 166 25.86 18.42 3.18
C ASP A 166 26.26 19.89 3.20
N ASN A 167 25.25 20.79 3.21
CA ASN A 167 25.50 22.22 3.31
C ASN A 167 25.97 22.64 4.70
N VAL A 168 25.45 21.98 5.75
CA VAL A 168 25.90 22.17 7.16
C VAL A 168 27.39 21.81 7.21
N VAL A 169 27.76 20.63 6.70
CA VAL A 169 29.12 20.12 6.67
C VAL A 169 30.06 21.07 5.91
N MET A 170 29.62 21.55 4.73
CA MET A 170 30.41 22.49 3.95
C MET A 170 30.68 23.77 4.72
N ASP A 171 29.67 24.30 5.47
CA ASP A 171 29.89 25.52 6.25
C ASP A 171 30.75 25.32 7.49
N LEU A 172 30.74 24.11 8.06
CA LEU A 172 31.62 23.78 9.19
C LEU A 172 33.07 23.71 8.66
N LYS A 173 33.26 23.09 7.47
CA LYS A 173 34.59 23.01 6.84
C LYS A 173 35.08 24.41 6.44
N ALA A 174 34.15 25.30 6.04
CA ALA A 174 34.47 26.69 5.68
C ALA A 174 34.74 27.59 6.91
N GLY A 175 34.34 27.12 8.09
CA GLY A 175 34.54 27.84 9.35
C GLY A 175 33.46 28.86 9.62
N ARG A 176 32.32 28.78 8.90
CA ARG A 176 31.19 29.70 9.12
C ARG A 176 30.41 29.31 10.38
N ILE A 177 30.50 28.04 10.77
CA ILE A 177 29.90 27.50 12.00
C ILE A 177 31.04 26.71 12.67
N ASP A 178 30.91 26.46 13.98
CA ASP A 178 31.89 25.74 14.79
C ASP A 178 31.46 24.31 15.10
N ALA A 179 30.16 24.04 15.11
CA ALA A 179 29.66 22.73 15.47
C ALA A 179 28.30 22.45 14.86
N SER A 180 27.92 21.18 14.88
CA SER A 180 26.62 20.74 14.43
C SER A 180 26.12 19.55 15.27
N LEU A 181 24.93 19.09 14.92
CA LEU A 181 24.26 17.98 15.59
C LEU A 181 23.58 17.22 14.46
N ALA A 182 23.86 15.91 14.34
CA ALA A 182 23.24 15.06 13.32
C ALA A 182 23.23 13.60 13.78
N SER A 183 22.76 12.68 12.94
CA SER A 183 22.70 11.28 13.30
C SER A 183 24.08 10.64 13.24
N VAL A 184 24.38 9.70 14.15
CA VAL A 184 25.65 8.95 14.14
C VAL A 184 25.75 8.15 12.81
N SER A 185 24.62 7.58 12.31
CA SER A 185 24.63 6.81 11.05
C SER A 185 25.16 7.64 9.87
N PHE A 186 24.94 8.97 9.91
CA PHE A 186 25.51 9.86 8.89
C PHE A 186 26.95 10.26 9.28
N LEU A 187 27.13 10.71 10.52
CA LEU A 187 28.42 11.26 11.00
C LEU A 187 29.57 10.28 11.08
N LYS A 188 29.33 9.03 11.50
CA LYS A 188 30.40 8.05 11.61
C LYS A 188 31.04 7.76 10.23
N PRO A 189 30.28 7.37 9.17
CA PRO A 189 30.93 7.15 7.87
C PRO A 189 31.54 8.43 7.31
N LEU A 190 30.89 9.59 7.54
CA LEU A 190 31.41 10.88 7.09
C LEU A 190 32.79 11.12 7.66
N THR A 191 32.95 11.00 9.00
CA THR A 191 34.23 11.22 9.68
C THR A 191 35.25 10.13 9.45
N ASP A 192 34.80 8.95 9.00
CA ASP A 192 35.74 7.86 8.71
C ASP A 192 36.50 8.08 7.40
N LYS A 193 35.95 8.89 6.50
CA LYS A 193 36.59 9.21 5.21
C LYS A 193 37.87 10.00 5.41
N PRO A 194 39.00 9.59 4.78
CA PRO A 194 40.26 10.34 4.97
C PRO A 194 40.15 11.85 4.70
N ASP A 195 39.34 12.24 3.72
CA ASP A 195 39.10 13.63 3.32
C ASP A 195 38.34 14.45 4.35
N ASN A 196 37.76 13.75 5.34
CA ASN A 196 37.03 14.38 6.44
C ASN A 196 37.68 14.18 7.80
N LYS A 197 38.96 13.82 7.85
CA LYS A 197 39.68 13.64 9.13
C LYS A 197 39.93 14.96 9.86
N ASP A 198 39.62 16.08 9.21
CA ASP A 198 39.68 17.42 9.80
C ASP A 198 38.36 17.68 10.58
N LEU A 199 37.45 16.70 10.59
CA LEU A 199 36.18 16.76 11.32
C LEU A 199 36.12 15.67 12.33
N LYS A 200 35.37 15.89 13.44
CA LYS A 200 35.28 14.87 14.48
C LYS A 200 33.92 14.90 15.15
N MET A 201 33.42 13.72 15.50
CA MET A 201 32.22 13.56 16.33
C MET A 201 32.69 13.77 17.75
N PHE A 202 31.80 14.22 18.64
CA PHE A 202 32.10 14.39 20.05
C PHE A 202 30.81 14.54 20.84
N GLY A 203 30.92 14.47 22.17
CA GLY A 203 29.81 14.65 23.06
C GLY A 203 29.01 13.40 23.29
N PRO A 204 27.86 13.49 24.00
CA PRO A 204 27.04 12.28 24.23
C PRO A 204 26.40 11.75 22.93
N ARG A 205 26.08 10.46 22.92
CA ARG A 205 25.39 9.77 21.84
C ARG A 205 23.96 9.68 22.39
N MET A 206 23.09 10.53 21.88
CA MET A 206 21.74 10.67 22.40
C MET A 206 20.66 9.93 21.66
N THR A 207 19.67 9.40 22.40
CA THR A 207 18.54 8.65 21.81
C THR A 207 17.26 9.08 22.55
N GLY A 208 16.11 8.79 21.96
CA GLY A 208 14.82 9.09 22.59
C GLY A 208 14.47 10.56 22.56
N GLY A 209 13.43 10.92 23.31
CA GLY A 209 12.91 12.28 23.34
C GLY A 209 12.47 12.67 21.95
N LEU A 210 12.90 13.86 21.51
CA LEU A 210 12.60 14.38 20.17
C LEU A 210 13.20 13.54 19.04
N PHE A 211 14.20 12.69 19.37
CA PHE A 211 14.86 11.82 18.40
C PHE A 211 14.14 10.51 18.08
N GLY A 212 12.98 10.29 18.72
CA GLY A 212 12.15 9.10 18.52
C GLY A 212 12.59 7.84 19.25
N LYS A 213 11.79 6.79 19.12
CA LYS A 213 11.98 5.50 19.78
C LYS A 213 13.02 4.58 19.10
N GLY A 214 13.41 4.88 17.89
CA GLY A 214 14.35 4.01 17.19
C GLY A 214 13.64 3.39 16.01
N VAL A 215 14.25 2.35 15.43
CA VAL A 215 13.69 1.67 14.28
C VAL A 215 12.95 0.39 14.68
N GLY A 216 11.85 0.13 13.99
CA GLY A 216 11.04 -1.05 14.27
C GLY A 216 10.53 -1.73 13.03
N VAL A 217 10.00 -2.95 13.21
CA VAL A 217 9.41 -3.71 12.12
C VAL A 217 7.99 -3.18 11.88
N GLY A 218 7.72 -2.72 10.65
CA GLY A 218 6.42 -2.22 10.24
C GLY A 218 5.53 -3.41 9.93
N ILE A 219 4.33 -3.45 10.54
CA ILE A 219 3.41 -4.58 10.45
C ILE A 219 1.99 -4.02 10.34
N ARG A 220 1.11 -4.71 9.59
CA ARG A 220 -0.30 -4.31 9.52
C ARG A 220 -0.92 -4.33 10.92
N LYS A 221 -1.76 -3.33 11.24
CA LYS A 221 -2.39 -3.20 12.55
C LYS A 221 -3.18 -4.46 12.99
N GLU A 222 -3.86 -5.14 12.03
CA GLU A 222 -4.63 -6.36 12.31
C GLU A 222 -3.78 -7.58 12.67
N ASP A 223 -2.52 -7.61 12.18
CA ASP A 223 -1.59 -8.71 12.43
C ASP A 223 -0.96 -8.69 13.83
N ALA A 224 -1.84 -8.75 14.87
CA ALA A 224 -1.43 -8.72 16.28
C ALA A 224 -0.53 -9.90 16.64
N ASP A 225 -0.85 -11.09 16.10
CA ASP A 225 -0.06 -12.31 16.33
C ASP A 225 1.34 -12.20 15.75
N LEU A 226 1.49 -11.62 14.54
CA LEU A 226 2.80 -11.41 13.89
C LEU A 226 3.65 -10.41 14.68
N LYS A 227 3.02 -9.33 15.21
CA LYS A 227 3.74 -8.36 16.05
C LYS A 227 4.23 -9.07 17.32
N ALA A 228 3.36 -9.90 17.95
CA ALA A 228 3.71 -10.66 19.16
C ALA A 228 4.93 -11.57 18.91
N LEU A 229 4.95 -12.29 17.75
CA LEU A 229 6.04 -13.17 17.32
C LEU A 229 7.32 -12.36 17.09
N PHE A 230 7.21 -11.19 16.45
CA PHE A 230 8.38 -10.33 16.23
C PHE A 230 8.93 -9.80 17.55
N ASP A 231 8.05 -9.36 18.46
CA ASP A 231 8.45 -8.81 19.77
C ASP A 231 9.24 -9.81 20.62
N LYS A 232 8.78 -11.06 20.64
CA LYS A 232 9.43 -12.15 21.37
C LYS A 232 10.83 -12.41 20.76
N ALA A 233 10.91 -12.51 19.43
CA ALA A 233 12.16 -12.71 18.69
C ALA A 233 13.16 -11.59 18.90
N ILE A 234 12.70 -10.31 18.86
CA ILE A 234 13.56 -9.14 19.07
C ILE A 234 14.13 -9.13 20.50
N ASP A 235 13.28 -9.39 21.50
CA ASP A 235 13.74 -9.45 22.89
C ASP A 235 14.80 -10.54 23.09
N ALA A 236 14.62 -11.72 22.44
CA ALA A 236 15.58 -12.83 22.50
C ALA A 236 16.89 -12.49 21.77
N ALA A 237 16.79 -11.75 20.63
CA ALA A 237 17.96 -11.32 19.83
C ALA A 237 18.76 -10.25 20.58
N ILE A 238 18.08 -9.39 21.39
CA ILE A 238 18.76 -8.40 22.21
C ILE A 238 19.47 -9.12 23.37
N ALA A 239 18.71 -10.00 24.06
CA ALA A 239 19.16 -10.74 25.23
C ALA A 239 20.42 -11.57 25.01
N ASP A 240 20.53 -12.26 23.86
CA ASP A 240 21.69 -13.12 23.57
C ASP A 240 22.87 -12.38 22.89
N GLY A 241 22.75 -11.07 22.74
CA GLY A 241 23.80 -10.25 22.13
C GLY A 241 23.85 -10.22 20.62
N THR A 242 22.85 -10.81 19.91
CA THR A 242 22.80 -10.83 18.45
C THR A 242 22.65 -9.43 17.88
N VAL A 243 21.70 -8.63 18.40
CA VAL A 243 21.51 -7.25 17.93
C VAL A 243 22.82 -6.44 18.11
N GLN A 244 23.44 -6.53 19.30
CA GLN A 244 24.71 -5.85 19.58
C GLN A 244 25.80 -6.28 18.58
N LYS A 245 25.94 -7.60 18.33
CA LYS A 245 26.92 -8.17 17.39
C LYS A 245 26.69 -7.65 15.96
N LEU A 246 25.44 -7.71 15.47
CA LEU A 246 25.11 -7.22 14.12
C LEU A 246 25.27 -5.70 14.02
N SER A 247 24.97 -4.96 15.11
CA SER A 247 25.13 -3.49 15.14
C SER A 247 26.61 -3.16 14.94
N GLN A 248 27.50 -3.78 15.74
CA GLN A 248 28.96 -3.56 15.59
C GLN A 248 29.45 -3.94 14.16
N GLN A 249 28.99 -5.10 13.65
CA GLN A 249 29.37 -5.55 12.31
C GLN A 249 29.01 -4.53 11.19
N TRP A 250 27.74 -4.09 11.16
CA TRP A 250 27.24 -3.21 10.11
C TRP A 250 27.53 -1.74 10.29
N PHE A 251 27.62 -1.27 11.54
CA PHE A 251 27.77 0.14 11.86
C PHE A 251 29.09 0.52 12.47
N GLY A 252 29.74 -0.39 13.17
CA GLY A 252 31.00 -0.08 13.84
C GLY A 252 30.77 0.55 15.20
N TYR A 253 29.53 0.43 15.72
CA TYR A 253 29.12 0.92 17.04
C TYR A 253 27.90 0.12 17.52
N ASP A 254 27.65 0.14 18.82
CA ASP A 254 26.54 -0.58 19.42
C ASP A 254 25.33 0.33 19.61
N ALA A 255 24.28 0.14 18.77
CA ALA A 255 23.01 0.89 18.86
C ALA A 255 21.88 -0.08 19.31
N SER A 256 22.24 -1.18 19.96
CA SER A 256 21.23 -2.13 20.40
C SER A 256 20.37 -1.52 21.51
N PRO A 257 19.03 -1.73 21.47
CA PRO A 257 18.17 -1.20 22.55
C PRO A 257 18.35 -2.00 23.85
N LYS A 258 17.72 -1.50 24.94
CA LYS A 258 17.65 -2.23 26.21
C LYS A 258 16.52 -3.28 26.09
N GLN A 259 16.71 -4.48 26.70
CA GLN A 259 15.69 -5.55 26.69
C GLN A 259 14.64 -5.36 27.78
N ASP B 3 -1.31 13.62 -11.29
CA ASP B 3 -1.74 15.02 -11.29
C ASP B 3 -2.06 15.59 -9.90
N TYR B 4 -2.00 16.94 -9.75
CA TYR B 4 -2.14 17.65 -8.47
C TYR B 4 -3.17 18.79 -8.42
N LYS B 5 -3.84 18.90 -7.26
CA LYS B 5 -4.85 19.91 -6.89
C LYS B 5 -6.16 20.02 -7.70
N SER B 6 -6.15 19.70 -9.03
CA SER B 6 -7.38 19.64 -9.82
C SER B 6 -7.27 18.62 -10.95
N ILE B 7 -8.24 17.69 -11.04
CA ILE B 7 -8.25 16.68 -12.11
C ILE B 7 -9.57 16.65 -12.87
N THR B 8 -9.49 16.27 -14.15
CA THR B 8 -10.63 16.10 -15.04
C THR B 8 -10.78 14.60 -15.31
N ILE B 9 -11.99 14.06 -15.08
CA ILE B 9 -12.31 12.65 -15.27
C ILE B 9 -13.32 12.51 -16.39
N ALA B 10 -12.97 11.70 -17.42
CA ALA B 10 -13.85 11.42 -18.54
C ALA B 10 -14.75 10.24 -18.24
N THR B 11 -15.98 10.31 -18.74
CA THR B 11 -16.97 9.24 -18.64
C THR B 11 -17.80 9.25 -19.91
N GLU B 12 -18.62 8.22 -20.12
CA GLU B 12 -19.46 8.11 -21.31
C GLU B 12 -20.68 9.01 -21.21
N GLY B 13 -21.39 8.92 -20.10
CA GLY B 13 -22.63 9.64 -19.86
C GLY B 13 -23.83 9.01 -20.58
N SER B 14 -23.70 7.74 -20.99
CA SER B 14 -24.75 7.00 -21.70
C SER B 14 -24.79 5.52 -21.26
N TYR B 15 -24.31 5.20 -20.06
CA TYR B 15 -24.29 3.84 -19.52
C TYR B 15 -24.84 3.78 -18.10
N ALA B 16 -26.17 3.97 -17.96
CA ALA B 16 -26.83 3.92 -16.66
C ALA B 16 -26.71 2.50 -16.04
N PRO B 17 -26.46 2.34 -14.74
CA PRO B 17 -26.38 3.37 -13.67
C PRO B 17 -24.95 3.81 -13.35
N TYR B 18 -23.96 3.37 -14.16
CA TYR B 18 -22.55 3.73 -13.94
C TYR B 18 -22.33 5.24 -14.21
N ASN B 19 -22.78 5.71 -15.37
CA ASN B 19 -22.63 7.10 -15.75
C ASN B 19 -23.67 7.43 -16.78
N PHE B 20 -24.48 8.42 -16.47
CA PHE B 20 -25.58 8.85 -17.33
C PHE B 20 -25.93 10.30 -17.01
N LYS B 21 -27.05 10.80 -17.49
CA LYS B 21 -27.40 12.19 -17.25
C LYS B 21 -28.71 12.39 -16.53
N ASP B 22 -28.79 13.47 -15.72
CA ASP B 22 -30.05 13.85 -15.09
C ASP B 22 -30.81 14.69 -16.16
N ALA B 23 -32.06 15.07 -15.88
CA ALA B 23 -32.92 15.84 -16.80
C ALA B 23 -32.28 17.14 -17.30
N GLY B 24 -31.43 17.77 -16.47
CA GLY B 24 -30.73 18.99 -16.80
C GLY B 24 -29.43 18.79 -17.57
N GLY B 25 -29.08 17.54 -17.85
CA GLY B 25 -27.88 17.19 -18.60
C GLY B 25 -26.60 17.01 -17.80
N LYS B 26 -26.68 17.04 -16.45
CA LYS B 26 -25.53 16.88 -15.58
C LYS B 26 -25.16 15.40 -15.48
N LEU B 27 -23.85 15.08 -15.50
CA LEU B 27 -23.41 13.70 -15.38
C LEU B 27 -23.66 13.18 -13.97
N ILE B 28 -24.30 12.01 -13.90
CA ILE B 28 -24.66 11.34 -12.64
C ILE B 28 -24.36 9.86 -12.75
N GLY B 29 -24.38 9.17 -11.62
CA GLY B 29 -24.18 7.72 -11.56
C GLY B 29 -23.12 7.28 -10.60
N PHE B 30 -22.96 5.96 -10.48
CA PHE B 30 -21.98 5.35 -9.59
C PHE B 30 -20.57 5.93 -9.81
N ASP B 31 -20.13 6.01 -11.08
CA ASP B 31 -18.77 6.48 -11.42
C ASP B 31 -18.55 7.92 -10.99
N ILE B 32 -19.62 8.74 -11.11
CA ILE B 32 -19.60 10.17 -10.75
C ILE B 32 -19.56 10.31 -9.22
N ASP B 33 -20.48 9.62 -8.52
CA ASP B 33 -20.48 9.66 -7.05
C ASP B 33 -19.17 9.12 -6.50
N LEU B 34 -18.67 7.99 -7.05
CA LEU B 34 -17.39 7.46 -6.57
C LEU B 34 -16.24 8.42 -6.85
N GLY B 35 -16.18 8.93 -8.09
CA GLY B 35 -15.11 9.85 -8.51
C GLY B 35 -15.00 11.07 -7.61
N ASN B 36 -16.16 11.69 -7.27
CA ASN B 36 -16.20 12.85 -6.38
C ASN B 36 -15.74 12.50 -4.98
N ASP B 37 -16.16 11.32 -4.49
CA ASP B 37 -15.76 10.84 -3.16
C ASP B 37 -14.26 10.59 -3.09
N LEU B 38 -13.67 9.95 -4.13
CA LEU B 38 -12.25 9.65 -4.21
C LEU B 38 -11.41 10.93 -4.27
N CYS B 39 -11.85 11.91 -5.07
CA CYS B 39 -11.15 13.19 -5.21
C CYS B 39 -11.17 14.00 -3.93
N LYS B 40 -12.27 13.89 -3.17
CA LYS B 40 -12.42 14.54 -1.86
C LYS B 40 -11.38 13.95 -0.88
N ARG B 41 -11.18 12.62 -0.88
CA ARG B 41 -10.18 11.91 -0.05
C ARG B 41 -8.75 12.28 -0.46
N MET B 42 -8.57 12.53 -1.75
CA MET B 42 -7.30 12.91 -2.35
C MET B 42 -7.00 14.40 -2.14
N ASN B 43 -8.00 15.18 -1.61
CA ASN B 43 -7.93 16.64 -1.39
C ASN B 43 -7.65 17.39 -2.70
N ILE B 44 -8.32 16.95 -3.77
CA ILE B 44 -8.18 17.46 -5.13
C ILE B 44 -9.57 17.80 -5.68
N GLU B 45 -9.67 18.88 -6.47
CA GLU B 45 -10.92 19.28 -7.13
C GLU B 45 -11.26 18.29 -8.24
N CYS B 46 -12.56 18.07 -8.46
CA CYS B 46 -13.05 17.09 -9.40
C CYS B 46 -13.93 17.70 -10.48
N LYS B 47 -13.62 17.40 -11.73
CA LYS B 47 -14.41 17.83 -12.89
C LYS B 47 -14.66 16.62 -13.77
N PHE B 48 -15.93 16.38 -14.12
CA PHE B 48 -16.34 15.28 -14.98
C PHE B 48 -16.65 15.79 -16.40
N VAL B 49 -16.17 15.08 -17.43
CA VAL B 49 -16.42 15.43 -18.84
C VAL B 49 -16.98 14.25 -19.62
N GLU B 50 -17.85 14.51 -20.62
CA GLU B 50 -18.38 13.43 -21.45
C GLU B 50 -17.41 13.15 -22.59
N GLN B 51 -17.22 11.87 -22.89
CA GLN B 51 -16.34 11.41 -23.96
C GLN B 51 -16.89 10.14 -24.57
N ALA B 52 -17.07 10.14 -25.92
CA ALA B 52 -17.58 8.96 -26.65
C ALA B 52 -16.57 7.83 -26.49
N TRP B 53 -17.07 6.61 -26.26
CA TRP B 53 -16.27 5.40 -26.04
C TRP B 53 -15.08 5.22 -26.99
N ASP B 54 -15.31 5.36 -28.30
CA ASP B 54 -14.27 5.18 -29.33
C ASP B 54 -13.01 6.01 -29.12
N GLY B 55 -13.17 7.22 -28.59
CA GLY B 55 -12.04 8.11 -28.36
C GLY B 55 -11.59 8.27 -26.92
N ILE B 56 -12.24 7.54 -25.98
CA ILE B 56 -11.95 7.63 -24.55
C ILE B 56 -10.48 7.34 -24.17
N ILE B 57 -9.88 6.28 -24.74
CA ILE B 57 -8.46 5.96 -24.49
C ILE B 57 -7.50 6.91 -25.24
N PRO B 58 -7.62 7.13 -26.59
CA PRO B 58 -6.70 8.07 -27.26
C PRO B 58 -6.72 9.49 -26.68
N SER B 59 -7.89 9.99 -26.25
CA SER B 59 -8.02 11.33 -25.66
C SER B 59 -7.37 11.42 -24.29
N LEU B 60 -7.25 10.26 -23.60
CA LEU B 60 -6.57 10.19 -22.30
C LEU B 60 -5.08 10.34 -22.58
N THR B 61 -4.56 9.54 -23.51
CA THR B 61 -3.15 9.59 -23.89
C THR B 61 -2.77 10.91 -24.55
N ALA B 62 -3.73 11.57 -25.24
CA ALA B 62 -3.49 12.88 -25.87
C ALA B 62 -3.41 14.00 -24.82
N GLY B 63 -3.88 13.70 -23.60
CA GLY B 63 -3.84 14.63 -22.47
C GLY B 63 -5.04 15.54 -22.33
N ARG B 64 -6.17 15.19 -22.97
CA ARG B 64 -7.41 15.98 -22.91
C ARG B 64 -8.04 15.98 -21.52
N TYR B 65 -7.72 14.94 -20.73
CA TYR B 65 -8.17 14.76 -19.34
C TYR B 65 -7.20 13.84 -18.61
N ASP B 66 -7.36 13.78 -17.31
CA ASP B 66 -6.45 13.08 -16.42
C ASP B 66 -6.78 11.62 -16.13
N ALA B 67 -8.07 11.26 -16.12
CA ALA B 67 -8.48 9.89 -15.81
C ALA B 67 -9.77 9.48 -16.50
N ILE B 68 -10.07 8.15 -16.51
CA ILE B 68 -11.33 7.61 -17.05
C ILE B 68 -12.05 6.83 -15.94
N MET B 69 -13.34 7.17 -15.69
CA MET B 69 -14.22 6.42 -14.78
C MET B 69 -15.50 6.25 -15.57
N ALA B 70 -15.53 5.16 -16.36
CA ALA B 70 -16.61 4.87 -17.29
C ALA B 70 -16.82 3.36 -17.38
N ALA B 71 -17.08 2.71 -16.23
CA ALA B 71 -17.30 1.25 -16.12
C ALA B 71 -16.27 0.49 -16.98
N MET B 72 -15.01 0.94 -16.94
CA MET B 72 -13.98 0.38 -17.80
C MET B 72 -13.33 -0.84 -17.20
N GLY B 73 -13.57 -1.98 -17.83
CA GLY B 73 -12.98 -3.25 -17.41
C GLY B 73 -11.48 -3.23 -17.60
N ILE B 74 -10.75 -3.66 -16.55
CA ILE B 74 -9.29 -3.79 -16.55
C ILE B 74 -9.03 -5.04 -17.39
N GLN B 75 -8.55 -4.84 -18.63
CA GLN B 75 -8.30 -5.92 -19.57
C GLN B 75 -6.91 -5.83 -20.21
N PRO B 76 -6.31 -6.94 -20.72
CA PRO B 76 -4.94 -6.85 -21.29
C PRO B 76 -4.79 -5.87 -22.46
N ALA B 77 -5.78 -5.83 -23.38
CA ALA B 77 -5.76 -4.95 -24.55
C ALA B 77 -5.64 -3.48 -24.15
N ARG B 78 -6.40 -3.07 -23.12
CA ARG B 78 -6.38 -1.72 -22.56
C ARG B 78 -5.10 -1.47 -21.77
N GLU B 79 -4.61 -2.48 -21.01
CA GLU B 79 -3.39 -2.39 -20.22
C GLU B 79 -2.11 -2.21 -21.06
N LYS B 80 -2.19 -2.46 -22.38
CA LYS B 80 -1.07 -2.28 -23.29
C LYS B 80 -0.88 -0.79 -23.60
N VAL B 81 -1.96 0.00 -23.48
CA VAL B 81 -1.99 1.44 -23.79
C VAL B 81 -1.99 2.32 -22.53
N ILE B 82 -2.77 1.95 -21.52
CA ILE B 82 -2.91 2.77 -20.31
C ILE B 82 -2.70 1.97 -19.04
N ALA B 83 -2.59 2.68 -17.91
CA ALA B 83 -2.50 2.08 -16.61
C ALA B 83 -3.90 2.12 -15.99
N PHE B 84 -4.11 1.29 -14.97
CA PHE B 84 -5.36 1.25 -14.24
C PHE B 84 -5.10 1.37 -12.75
N SER B 85 -6.05 1.93 -12.03
CA SER B 85 -6.01 1.95 -10.58
C SER B 85 -6.35 0.49 -10.18
N ARG B 86 -6.22 0.16 -8.89
CA ARG B 86 -6.69 -1.12 -8.40
C ARG B 86 -8.23 -1.14 -8.63
N PRO B 87 -8.86 -2.32 -8.80
CA PRO B 87 -10.32 -2.34 -9.06
C PRO B 87 -11.13 -1.61 -7.99
N TYR B 88 -12.12 -0.81 -8.42
CA TYR B 88 -13.05 -0.10 -7.52
C TYR B 88 -14.42 -0.74 -7.51
N LEU B 89 -14.65 -1.66 -8.46
CA LEU B 89 -15.87 -2.43 -8.57
C LEU B 89 -15.60 -3.79 -9.24
N LEU B 90 -16.23 -4.85 -8.69
CA LEU B 90 -16.15 -6.16 -9.30
C LEU B 90 -17.21 -6.29 -10.40
N THR B 91 -17.05 -7.28 -11.27
CA THR B 91 -18.00 -7.52 -12.37
C THR B 91 -18.53 -8.94 -12.15
N PRO B 92 -19.55 -9.12 -11.27
CA PRO B 92 -20.05 -10.48 -11.03
C PRO B 92 -20.86 -11.07 -12.17
N MET B 93 -20.73 -12.39 -12.33
CA MET B 93 -21.43 -13.17 -13.36
C MET B 93 -22.26 -14.20 -12.60
N THR B 94 -23.45 -14.51 -13.13
CA THR B 94 -24.30 -15.51 -12.48
C THR B 94 -25.13 -16.30 -13.48
N PHE B 95 -25.82 -17.32 -13.01
CA PHE B 95 -26.64 -18.18 -13.85
C PHE B 95 -28.08 -17.67 -13.94
N LEU B 96 -28.77 -18.06 -15.00
CA LEU B 96 -30.13 -17.62 -15.27
C LEU B 96 -30.93 -18.84 -15.66
N THR B 97 -32.15 -18.94 -15.11
CA THR B 97 -33.09 -20.00 -15.48
C THR B 97 -34.52 -19.43 -15.42
N THR B 98 -35.52 -20.31 -15.53
CA THR B 98 -36.92 -19.89 -15.43
C THR B 98 -37.36 -19.94 -13.97
N ALA B 99 -38.38 -19.16 -13.59
CA ALA B 99 -38.92 -19.23 -12.23
C ALA B 99 -39.57 -20.63 -12.18
N ASP B 100 -39.51 -21.34 -11.08
CA ASP B 100 -40.03 -22.73 -11.04
C ASP B 100 -39.15 -23.84 -11.69
N SER B 101 -37.98 -23.50 -12.21
CA SER B 101 -37.10 -24.55 -12.74
C SER B 101 -36.58 -25.37 -11.53
N PRO B 102 -36.34 -26.69 -11.67
CA PRO B 102 -35.80 -27.46 -10.52
C PRO B 102 -34.40 -27.01 -10.10
N LEU B 103 -33.66 -26.29 -10.99
CA LEU B 103 -32.31 -25.75 -10.72
C LEU B 103 -32.30 -24.77 -9.56
N LEU B 104 -33.45 -24.12 -9.28
CA LEU B 104 -33.63 -23.18 -8.18
C LEU B 104 -33.63 -23.88 -6.81
N LYS B 105 -33.85 -25.20 -6.77
CA LYS B 105 -33.84 -25.99 -5.52
C LYS B 105 -32.41 -26.21 -4.98
N THR B 106 -31.39 -26.05 -5.85
CA THR B 106 -29.98 -26.17 -5.47
C THR B 106 -29.58 -25.04 -4.51
N GLN B 107 -29.24 -25.41 -3.28
CA GLN B 107 -28.84 -24.45 -2.26
C GLN B 107 -27.47 -23.84 -2.56
N VAL B 108 -27.32 -22.53 -2.31
CA VAL B 108 -26.08 -21.80 -2.52
C VAL B 108 -25.32 -21.65 -1.19
N ALA B 109 -24.23 -22.43 -1.04
CA ALA B 109 -23.38 -22.48 0.16
C ALA B 109 -22.55 -21.19 0.31
N ILE B 110 -22.00 -20.67 -0.80
CA ILE B 110 -21.17 -19.45 -0.83
C ILE B 110 -21.76 -18.53 -1.90
N GLU B 111 -22.30 -17.34 -1.50
CA GLU B 111 -22.90 -16.40 -2.44
C GLU B 111 -21.86 -15.81 -3.41
N ASN B 112 -20.84 -15.11 -2.89
CA ASN B 112 -19.80 -14.52 -3.73
C ASN B 112 -18.67 -15.51 -3.95
N LEU B 113 -18.35 -15.75 -5.23
CA LEU B 113 -17.34 -16.72 -5.61
C LEU B 113 -16.16 -16.14 -6.41
N PRO B 114 -15.08 -15.65 -5.75
CA PRO B 114 -13.91 -15.19 -6.52
C PRO B 114 -13.16 -16.41 -7.07
N LEU B 115 -12.91 -16.44 -8.38
CA LEU B 115 -12.32 -17.62 -9.03
C LEU B 115 -10.80 -17.73 -9.05
N ASP B 116 -10.06 -16.66 -8.71
CA ASP B 116 -8.59 -16.68 -8.81
C ASP B 116 -7.80 -17.66 -7.98
N ASN B 117 -8.11 -17.78 -6.69
CA ASN B 117 -7.35 -18.72 -5.86
C ASN B 117 -8.35 -19.57 -5.11
N ILE B 118 -9.17 -20.28 -5.89
CA ILE B 118 -10.29 -21.11 -5.48
C ILE B 118 -10.01 -22.04 -4.29
N THR B 119 -10.79 -21.86 -3.21
CA THR B 119 -10.68 -22.64 -1.97
C THR B 119 -11.31 -24.03 -2.20
N PRO B 120 -10.92 -25.11 -1.47
CA PRO B 120 -11.60 -26.41 -1.68
C PRO B 120 -13.13 -26.35 -1.53
N GLU B 121 -13.64 -25.49 -0.62
CA GLU B 121 -15.08 -25.28 -0.39
C GLU B 121 -15.72 -24.62 -1.61
N GLN B 122 -15.00 -23.66 -2.23
CA GLN B 122 -15.45 -22.95 -3.42
C GLN B 122 -15.47 -23.88 -4.64
N LYS B 123 -14.43 -24.72 -4.78
CA LYS B 123 -14.31 -25.70 -5.86
C LYS B 123 -15.43 -26.74 -5.72
N ALA B 124 -15.73 -27.19 -4.48
CA ALA B 124 -16.79 -28.16 -4.16
C ALA B 124 -18.17 -27.61 -4.54
N GLU B 125 -18.42 -26.32 -4.28
CA GLU B 125 -19.66 -25.62 -4.63
C GLU B 125 -19.82 -25.57 -6.15
N LEU B 126 -18.69 -25.32 -6.86
CA LEU B 126 -18.66 -25.22 -8.33
C LEU B 126 -18.94 -26.58 -8.94
N ASP B 127 -18.25 -27.64 -8.45
CA ASP B 127 -18.44 -29.02 -8.91
C ASP B 127 -19.87 -29.50 -8.70
N LYS B 128 -20.51 -29.07 -7.59
CA LYS B 128 -21.91 -29.36 -7.24
C LYS B 128 -22.86 -28.79 -8.31
N PHE B 129 -22.60 -27.55 -8.77
CA PHE B 129 -23.43 -26.93 -9.81
C PHE B 129 -23.23 -27.56 -11.16
N THR B 130 -21.99 -27.92 -11.50
CA THR B 130 -21.70 -28.59 -12.77
C THR B 130 -22.66 -29.79 -12.97
N LYS B 131 -22.81 -30.65 -11.94
CA LYS B 131 -23.66 -31.85 -11.96
C LYS B 131 -25.11 -31.54 -12.33
N ILE B 132 -25.72 -30.48 -11.74
CA ILE B 132 -27.11 -30.12 -12.04
C ILE B 132 -27.32 -29.62 -13.50
N PHE B 133 -26.23 -29.16 -14.17
CA PHE B 133 -26.29 -28.67 -15.56
C PHE B 133 -26.06 -29.72 -16.62
N GLU B 134 -25.35 -30.80 -16.27
CA GLU B 134 -24.99 -31.88 -17.19
C GLU B 134 -26.13 -32.39 -18.09
N GLY B 135 -27.30 -32.61 -17.53
CA GLY B 135 -28.45 -33.11 -18.29
C GLY B 135 -29.24 -32.08 -19.10
N VAL B 136 -29.21 -30.82 -18.65
CA VAL B 136 -30.00 -29.71 -19.21
C VAL B 136 -29.40 -28.92 -20.38
N LYS B 137 -30.26 -28.23 -21.14
CA LYS B 137 -29.91 -27.43 -22.31
C LYS B 137 -29.38 -26.08 -21.80
N PHE B 138 -28.07 -25.86 -21.99
CA PHE B 138 -27.41 -24.64 -21.54
C PHE B 138 -27.02 -23.80 -22.75
N GLY B 139 -27.43 -22.54 -22.75
CA GLY B 139 -27.17 -21.58 -23.83
C GLY B 139 -26.28 -20.47 -23.37
N VAL B 140 -25.36 -20.04 -24.23
CA VAL B 140 -24.43 -18.93 -23.92
C VAL B 140 -24.24 -18.06 -25.17
N GLN B 141 -23.84 -16.81 -24.97
CA GLN B 141 -23.50 -15.91 -26.07
C GLN B 141 -22.08 -16.30 -26.51
N ALA B 142 -21.89 -16.50 -27.83
CA ALA B 142 -20.62 -16.91 -28.42
C ALA B 142 -19.55 -15.82 -28.28
N GLY B 143 -18.30 -16.25 -28.09
CA GLY B 143 -17.12 -15.39 -27.98
C GLY B 143 -16.94 -14.66 -26.66
N THR B 144 -17.83 -14.92 -25.68
CA THR B 144 -17.79 -14.29 -24.36
C THR B 144 -16.96 -15.08 -23.36
N SER B 145 -16.69 -14.44 -22.19
CA SER B 145 -16.02 -15.07 -21.05
C SER B 145 -16.94 -16.14 -20.46
N HIS B 146 -18.27 -16.01 -20.67
CA HIS B 146 -19.27 -16.97 -20.20
C HIS B 146 -19.13 -18.28 -20.94
N GLU B 147 -18.94 -18.20 -22.26
CA GLU B 147 -18.68 -19.38 -23.11
C GLU B 147 -17.36 -20.00 -22.69
N ALA B 148 -16.32 -19.17 -22.49
CA ALA B 148 -15.00 -19.63 -22.07
C ALA B 148 -15.09 -20.29 -20.70
N PHE B 149 -15.98 -19.77 -19.79
CA PHE B 149 -16.17 -20.39 -18.46
C PHE B 149 -16.75 -21.79 -18.62
N MET B 150 -17.80 -21.93 -19.45
CA MET B 150 -18.46 -23.21 -19.71
C MET B 150 -17.53 -24.23 -20.34
N LYS B 151 -16.61 -23.76 -21.21
CA LYS B 151 -15.64 -24.65 -21.85
C LYS B 151 -14.56 -25.10 -20.87
N GLN B 152 -13.96 -24.16 -20.12
CA GLN B 152 -12.86 -24.43 -19.18
C GLN B 152 -13.22 -25.01 -17.80
N MET B 153 -14.20 -24.42 -17.11
CA MET B 153 -14.63 -24.79 -15.74
C MET B 153 -15.77 -25.82 -15.67
N MET B 154 -16.57 -25.95 -16.74
CA MET B 154 -17.69 -26.91 -16.80
C MET B 154 -17.69 -27.71 -18.13
N PRO B 155 -16.56 -28.36 -18.50
CA PRO B 155 -16.51 -29.09 -19.78
C PRO B 155 -17.50 -30.23 -19.95
N SER B 156 -17.94 -30.84 -18.83
CA SER B 156 -18.91 -31.95 -18.83
C SER B 156 -20.34 -31.47 -19.19
N VAL B 157 -20.53 -30.14 -19.31
CA VAL B 157 -21.82 -29.57 -19.66
C VAL B 157 -21.91 -29.26 -21.16
N GLN B 158 -22.97 -29.78 -21.84
CA GLN B 158 -23.22 -29.52 -23.27
C GLN B 158 -23.84 -28.12 -23.43
N ILE B 159 -23.25 -27.29 -24.31
CA ILE B 159 -23.70 -25.91 -24.52
C ILE B 159 -24.07 -25.58 -25.96
N SER B 160 -25.05 -24.69 -26.13
CA SER B 160 -25.45 -24.17 -27.45
C SER B 160 -25.10 -22.68 -27.46
N THR B 161 -24.71 -22.18 -28.64
CA THR B 161 -24.17 -20.83 -28.83
C THR B 161 -25.12 -19.89 -29.56
N TYR B 162 -25.10 -18.61 -29.18
CA TYR B 162 -25.95 -17.58 -29.74
C TYR B 162 -25.14 -16.34 -30.09
N ASP B 163 -25.53 -15.62 -31.15
CA ASP B 163 -24.84 -14.40 -31.55
C ASP B 163 -24.95 -13.28 -30.50
N THR B 164 -26.16 -13.11 -29.90
CA THR B 164 -26.47 -12.11 -28.89
C THR B 164 -27.04 -12.71 -27.59
N ILE B 165 -26.91 -11.98 -26.50
CA ILE B 165 -27.46 -12.39 -25.21
C ILE B 165 -29.00 -12.30 -25.27
N ASP B 166 -29.53 -11.33 -26.06
CA ASP B 166 -30.96 -11.14 -26.26
C ASP B 166 -31.54 -12.39 -26.88
N ASN B 167 -30.79 -13.03 -27.79
CA ASN B 167 -31.22 -14.29 -28.42
C ASN B 167 -31.19 -15.45 -27.46
N VAL B 168 -30.20 -15.48 -26.53
CA VAL B 168 -30.11 -16.49 -25.45
C VAL B 168 -31.41 -16.35 -24.59
N VAL B 169 -31.72 -15.12 -24.17
CA VAL B 169 -32.89 -14.81 -23.34
C VAL B 169 -34.17 -15.21 -24.02
N MET B 170 -34.33 -14.87 -25.31
CA MET B 170 -35.52 -15.21 -26.08
C MET B 170 -35.73 -16.71 -26.13
N ASP B 171 -34.63 -17.49 -26.29
CA ASP B 171 -34.73 -18.96 -26.34
C ASP B 171 -35.04 -19.58 -24.98
N LEU B 172 -34.56 -18.95 -23.90
CA LEU B 172 -34.86 -19.41 -22.54
C LEU B 172 -36.34 -19.15 -22.24
N LYS B 173 -36.84 -17.97 -22.64
CA LYS B 173 -38.27 -17.63 -22.48
C LYS B 173 -39.15 -18.57 -23.31
N ALA B 174 -38.67 -18.97 -24.50
CA ALA B 174 -39.37 -19.89 -25.40
C ALA B 174 -39.32 -21.35 -24.91
N GLY B 175 -38.39 -21.65 -23.99
CA GLY B 175 -38.20 -22.99 -23.44
C GLY B 175 -37.31 -23.88 -24.30
N ARG B 176 -36.60 -23.28 -25.28
CA ARG B 176 -35.67 -24.02 -26.16
C ARG B 176 -34.40 -24.39 -25.42
N ILE B 177 -34.02 -23.57 -24.42
CA ILE B 177 -32.92 -23.83 -23.49
C ILE B 177 -33.45 -23.78 -22.05
N ASP B 178 -32.70 -24.35 -21.09
CA ASP B 178 -33.10 -24.42 -19.68
C ASP B 178 -32.39 -23.44 -18.80
N ALA B 179 -31.16 -23.06 -19.15
CA ALA B 179 -30.33 -22.17 -18.35
C ALA B 179 -29.30 -21.44 -19.15
N SER B 180 -28.72 -20.41 -18.54
CA SER B 180 -27.67 -19.61 -19.14
C SER B 180 -26.72 -19.07 -18.08
N LEU B 181 -25.70 -18.33 -18.54
CA LEU B 181 -24.69 -17.69 -17.72
C LEU B 181 -24.42 -16.34 -18.38
N ALA B 182 -24.53 -15.24 -17.62
CA ALA B 182 -24.27 -13.88 -18.12
C ALA B 182 -23.88 -12.95 -16.96
N SER B 183 -23.66 -11.66 -17.27
CA SER B 183 -23.26 -10.72 -16.23
C SER B 183 -24.45 -10.31 -15.38
N VAL B 184 -24.23 -10.09 -14.07
CA VAL B 184 -25.28 -9.63 -13.15
C VAL B 184 -25.79 -8.24 -13.63
N SER B 185 -24.88 -7.37 -14.12
CA SER B 185 -25.25 -6.01 -14.61
C SER B 185 -26.31 -6.08 -15.70
N PHE B 186 -26.28 -7.15 -16.52
CA PHE B 186 -27.32 -7.37 -17.52
C PHE B 186 -28.56 -8.08 -16.90
N LEU B 187 -28.31 -9.19 -16.18
CA LEU B 187 -29.35 -10.05 -15.62
C LEU B 187 -30.23 -9.44 -14.55
N LYS B 188 -29.67 -8.62 -13.64
CA LYS B 188 -30.49 -8.02 -12.61
C LYS B 188 -31.56 -7.08 -13.19
N PRO B 189 -31.24 -6.07 -14.04
CA PRO B 189 -32.31 -5.22 -14.60
C PRO B 189 -33.27 -6.03 -15.46
N LEU B 190 -32.75 -7.02 -16.21
CA LEU B 190 -33.58 -7.89 -17.04
C LEU B 190 -34.65 -8.60 -16.20
N THR B 191 -34.24 -9.24 -15.08
CA THR B 191 -35.15 -9.99 -14.21
C THR B 191 -35.99 -9.10 -13.34
N ASP B 192 -35.63 -7.81 -13.22
CA ASP B 192 -36.44 -6.86 -12.44
C ASP B 192 -37.69 -6.40 -13.20
N LYS B 193 -37.66 -6.52 -14.53
CA LYS B 193 -38.79 -6.12 -15.37
C LYS B 193 -40.00 -7.05 -15.12
N PRO B 194 -41.22 -6.50 -14.88
CA PRO B 194 -42.39 -7.37 -14.63
C PRO B 194 -42.61 -8.43 -15.71
N ASP B 195 -42.29 -8.09 -16.99
CA ASP B 195 -42.46 -8.97 -18.15
C ASP B 195 -41.47 -10.15 -18.14
N ASN B 196 -40.44 -10.07 -17.28
CA ASN B 196 -39.43 -11.12 -17.14
C ASN B 196 -39.43 -11.78 -15.77
N LYS B 197 -40.53 -11.68 -15.01
CA LYS B 197 -40.62 -12.32 -13.70
C LYS B 197 -40.74 -13.83 -13.78
N ASP B 198 -40.89 -14.37 -15.00
CA ASP B 198 -40.88 -15.81 -15.27
C ASP B 198 -39.41 -16.29 -15.38
N LEU B 199 -38.44 -15.37 -15.20
CA LEU B 199 -37.01 -15.70 -15.25
C LEU B 199 -36.39 -15.38 -13.92
N LYS B 200 -35.31 -16.10 -13.56
CA LYS B 200 -34.65 -15.88 -12.27
C LYS B 200 -33.17 -16.12 -12.36
N MET B 201 -32.40 -15.26 -11.68
CA MET B 201 -30.97 -15.46 -11.50
C MET B 201 -30.85 -16.50 -10.37
N PHE B 202 -29.79 -17.29 -10.37
CA PHE B 202 -29.56 -18.29 -9.32
C PHE B 202 -28.09 -18.69 -9.37
N GLY B 203 -27.65 -19.38 -8.34
CA GLY B 203 -26.30 -19.90 -8.26
C GLY B 203 -25.32 -18.91 -7.70
N PRO B 204 -24.01 -19.24 -7.71
CA PRO B 204 -23.02 -18.28 -7.19
C PRO B 204 -22.87 -17.03 -8.07
N ARG B 205 -22.42 -15.93 -7.45
CA ARG B 205 -22.13 -14.66 -8.12
C ARG B 205 -20.60 -14.70 -8.23
N MET B 206 -20.12 -15.02 -9.43
CA MET B 206 -18.71 -15.26 -9.66
C MET B 206 -17.94 -14.09 -10.20
N THR B 207 -16.68 -13.93 -9.74
CA THR B 207 -15.79 -12.85 -10.18
C THR B 207 -14.39 -13.42 -10.37
N GLY B 208 -13.55 -12.69 -11.10
CA GLY B 208 -12.16 -13.09 -11.31
C GLY B 208 -12.02 -14.23 -12.30
N GLY B 209 -10.80 -14.78 -12.36
CA GLY B 209 -10.46 -15.83 -13.31
C GLY B 209 -10.68 -15.34 -14.72
N LEU B 210 -11.41 -16.14 -15.52
CA LEU B 210 -11.76 -15.81 -16.91
C LEU B 210 -12.65 -14.59 -17.03
N PHE B 211 -13.31 -14.19 -15.91
CA PHE B 211 -14.19 -13.03 -15.88
C PHE B 211 -13.52 -11.67 -15.67
N GLY B 212 -12.19 -11.66 -15.54
CA GLY B 212 -11.41 -10.44 -15.36
C GLY B 212 -11.34 -9.90 -13.95
N LYS B 213 -10.53 -8.86 -13.76
CA LYS B 213 -10.24 -8.22 -12.46
C LYS B 213 -11.32 -7.26 -12.00
N GLY B 214 -12.07 -6.74 -12.96
CA GLY B 214 -13.15 -5.78 -12.71
C GLY B 214 -12.88 -4.44 -13.36
N VAL B 215 -13.46 -3.42 -12.79
CA VAL B 215 -13.48 -2.06 -13.29
C VAL B 215 -12.51 -1.19 -12.54
N GLY B 216 -11.77 -0.40 -13.26
CA GLY B 216 -10.80 0.48 -12.64
C GLY B 216 -10.71 1.84 -13.30
N VAL B 217 -9.98 2.74 -12.64
CA VAL B 217 -9.76 4.10 -13.14
C VAL B 217 -8.64 4.02 -14.19
N GLY B 218 -8.94 4.46 -15.41
CA GLY B 218 -7.98 4.50 -16.51
C GLY B 218 -7.11 5.74 -16.34
N ILE B 219 -5.78 5.55 -16.35
CA ILE B 219 -4.81 6.62 -16.11
C ILE B 219 -3.64 6.44 -17.08
N ARG B 220 -3.00 7.56 -17.51
CA ARG B 220 -1.80 7.48 -18.35
C ARG B 220 -0.70 6.73 -17.60
N LYS B 221 0.03 5.85 -18.31
CA LYS B 221 1.11 5.04 -17.74
C LYS B 221 2.18 5.86 -16.98
N GLU B 222 2.51 7.08 -17.46
CA GLU B 222 3.49 7.96 -16.82
C GLU B 222 3.02 8.56 -15.48
N ASP B 223 1.69 8.71 -15.32
CA ASP B 223 1.10 9.28 -14.12
C ASP B 223 1.06 8.30 -12.93
N ALA B 224 2.25 7.83 -12.51
CA ALA B 224 2.43 6.89 -11.39
C ALA B 224 1.91 7.45 -10.08
N ASP B 225 2.17 8.75 -9.83
CA ASP B 225 1.72 9.43 -8.62
C ASP B 225 0.20 9.53 -8.54
N LEU B 226 -0.48 9.81 -9.67
CA LEU B 226 -1.95 9.86 -9.74
C LEU B 226 -2.57 8.49 -9.47
N LYS B 227 -1.95 7.41 -10.01
CA LYS B 227 -2.42 6.05 -9.77
C LYS B 227 -2.29 5.73 -8.27
N ALA B 228 -1.13 6.10 -7.65
CA ALA B 228 -0.88 5.91 -6.22
C ALA B 228 -1.96 6.62 -5.37
N LEU B 229 -2.32 7.87 -5.73
CA LEU B 229 -3.35 8.68 -5.05
C LEU B 229 -4.72 8.00 -5.19
N PHE B 230 -5.05 7.52 -6.41
CA PHE B 230 -6.30 6.82 -6.64
C PHE B 230 -6.39 5.52 -5.83
N ASP B 231 -5.31 4.72 -5.82
CA ASP B 231 -5.25 3.45 -5.10
C ASP B 231 -5.50 3.60 -3.59
N LYS B 232 -4.87 4.62 -2.98
CA LYS B 232 -5.02 4.94 -1.56
C LYS B 232 -6.48 5.31 -1.26
N ALA B 233 -7.07 6.20 -2.09
CA ALA B 233 -8.46 6.65 -1.96
C ALA B 233 -9.45 5.50 -2.11
N ILE B 234 -9.25 4.60 -3.11
CA ILE B 234 -10.12 3.45 -3.35
C ILE B 234 -10.07 2.49 -2.15
N ASP B 235 -8.86 2.19 -1.63
CA ASP B 235 -8.73 1.32 -0.46
C ASP B 235 -9.46 1.89 0.75
N ALA B 236 -9.39 3.23 0.97
CA ALA B 236 -10.08 3.90 2.08
C ALA B 236 -11.62 3.89 1.88
N ALA B 237 -12.08 4.05 0.61
CA ALA B 237 -13.50 4.02 0.24
C ALA B 237 -14.09 2.62 0.41
N ILE B 238 -13.28 1.57 0.16
CA ILE B 238 -13.72 0.18 0.37
C ILE B 238 -13.80 -0.08 1.89
N ALA B 239 -12.71 0.30 2.61
CA ALA B 239 -12.57 0.10 4.06
C ALA B 239 -13.72 0.68 4.88
N ASP B 240 -14.18 1.91 4.55
CA ASP B 240 -15.24 2.55 5.33
C ASP B 240 -16.68 2.21 4.85
N GLY B 241 -16.78 1.31 3.87
CA GLY B 241 -18.08 0.89 3.34
C GLY B 241 -18.74 1.80 2.31
N THR B 242 -18.02 2.85 1.82
CA THR B 242 -18.53 3.79 0.82
C THR B 242 -18.79 3.09 -0.50
N VAL B 243 -17.85 2.27 -1.00
CA VAL B 243 -18.03 1.55 -2.25
C VAL B 243 -19.28 0.65 -2.16
N GLN B 244 -19.39 -0.12 -1.06
CA GLN B 244 -20.53 -1.01 -0.83
C GLN B 244 -21.85 -0.22 -0.82
N LYS B 245 -21.88 0.93 -0.11
CA LYS B 245 -23.07 1.80 -0.02
C LYS B 245 -23.48 2.33 -1.41
N LEU B 246 -22.51 2.85 -2.19
CA LEU B 246 -22.80 3.37 -3.54
C LEU B 246 -23.18 2.24 -4.49
N SER B 247 -22.59 1.04 -4.33
CA SER B 247 -22.93 -0.10 -5.19
C SER B 247 -24.42 -0.48 -4.97
N GLN B 248 -24.84 -0.61 -3.70
CA GLN B 248 -26.23 -0.90 -3.35
C GLN B 248 -27.17 0.14 -3.93
N GLN B 249 -26.79 1.44 -3.82
CA GLN B 249 -27.59 2.56 -4.29
C GLN B 249 -27.81 2.55 -5.80
N TRP B 250 -26.73 2.38 -6.57
CA TRP B 250 -26.83 2.44 -8.00
C TRP B 250 -27.21 1.16 -8.70
N PHE B 251 -26.83 0.02 -8.14
CA PHE B 251 -27.07 -1.28 -8.77
C PHE B 251 -28.14 -2.17 -8.11
N GLY B 252 -28.36 -2.00 -6.82
CA GLY B 252 -29.29 -2.83 -6.08
C GLY B 252 -28.63 -4.10 -5.59
N TYR B 253 -27.30 -4.17 -5.68
CA TYR B 253 -26.48 -5.28 -5.21
C TYR B 253 -25.08 -4.77 -4.86
N ASP B 254 -24.37 -5.54 -4.05
CA ASP B 254 -23.03 -5.20 -3.61
C ASP B 254 -21.97 -5.85 -4.49
N ALA B 255 -21.31 -5.03 -5.36
CA ALA B 255 -20.20 -5.45 -6.24
C ALA B 255 -18.89 -4.82 -5.78
N SER B 256 -18.84 -4.38 -4.51
CA SER B 256 -17.62 -3.79 -3.97
C SER B 256 -16.52 -4.83 -3.87
N PRO B 257 -15.25 -4.47 -4.20
CA PRO B 257 -14.15 -5.44 -4.04
C PRO B 257 -13.87 -5.71 -2.54
N LYS B 258 -13.46 -6.94 -2.19
CA LYS B 258 -13.25 -7.32 -0.78
C LYS B 258 -11.93 -6.84 -0.23
#